data_7Q7T
#
_entry.id   7Q7T
#
_cell.length_a   68.568
_cell.length_b   68.568
_cell.length_c   167.254
_cell.angle_alpha   90.000
_cell.angle_beta   90.000
_cell.angle_gamma   120.000
#
_symmetry.space_group_name_H-M   'P 61 2 2'
#
loop_
_entity.id
_entity.type
_entity.pdbx_description
1 polymer 'B-cell lymphoma 6 protein'
2 polymer ALA-TRP-VAL-ILE-PRO-ALA
3 non-polymer 2-chloranyl-4-[[(2S)-2,7-dimethyl-5,6-bis(oxidanylidene)-2,3-dihydro-1H-[1,4]oxazepino[6,5-c]quinolin-10-yl]amino]pyridine-3-carbonitrile
4 non-polymer 1,2-ETHANEDIOL
5 non-polymer 'DIMETHYL SULFOXIDE'
6 non-polymer 'CHLORIDE ION'
7 water water
#
loop_
_entity_poly.entity_id
_entity_poly.type
_entity_poly.pdbx_seq_one_letter_code
_entity_poly.pdbx_strand_id
1 'polypeptide(L)'
;GPGADSCIQFTRHASDVLLNLNRLRSRDILTDVVIVVSREQFRAHKTVLMACSGLFYSIFTDQLKCNLSVINLDPEINPE
GFCILLDFMYTSRLNLREGNIMAVMATAMYLQMEHVVDTCRKFIKASE
;
A
2 'polypeptide(L)' AWVIPA B
#
# COMPACT_ATOMS: atom_id res chain seq x y z
N ALA A 4 8.52 19.90 -20.95
CA ALA A 4 9.13 19.86 -22.28
C ALA A 4 9.49 18.42 -22.69
N ASP A 5 9.60 18.18 -24.00
CA ASP A 5 9.95 16.85 -24.51
C ASP A 5 11.47 16.55 -24.46
N SER A 6 12.30 17.49 -24.00
CA SER A 6 13.74 17.31 -23.92
C SER A 6 14.26 17.01 -22.50
N CYS A 7 13.37 16.50 -21.61
N CYS A 7 13.40 16.48 -21.63
CA CYS A 7 13.72 16.16 -20.23
CA CYS A 7 13.79 16.18 -20.27
C CYS A 7 14.70 14.98 -20.20
C CYS A 7 14.69 14.95 -20.18
N ILE A 8 15.54 14.91 -19.15
CA ILE A 8 16.38 13.74 -18.87
C ILE A 8 15.65 13.05 -17.66
N GLN A 9 15.91 11.77 -17.41
CA GLN A 9 15.20 11.05 -16.32
C GLN A 9 16.17 10.31 -15.39
N PHE A 10 15.96 10.39 -14.05
N PHE A 10 15.91 10.36 -14.09
CA PHE A 10 16.82 9.67 -13.10
CA PHE A 10 16.75 9.67 -13.12
C PHE A 10 16.13 8.34 -12.76
C PHE A 10 16.08 8.34 -12.80
N THR A 11 16.67 7.24 -13.28
CA THR A 11 16.10 5.89 -13.11
C THR A 11 15.70 5.49 -11.69
N ARG A 12 16.54 5.78 -10.70
CA ARG A 12 16.27 5.34 -9.33
C ARG A 12 15.43 6.31 -8.48
N HIS A 13 15.02 7.46 -9.05
CA HIS A 13 14.29 8.46 -8.26
C HIS A 13 13.02 7.95 -7.58
N ALA A 14 12.12 7.26 -8.32
CA ALA A 14 10.86 6.80 -7.71
C ALA A 14 11.09 5.82 -6.55
N SER A 15 12.07 4.91 -6.72
N SER A 15 12.07 4.91 -6.72
N SER A 15 12.07 4.89 -6.70
CA SER A 15 12.40 3.94 -5.67
CA SER A 15 12.41 3.94 -5.68
CA SER A 15 12.35 3.94 -5.62
C SER A 15 12.99 4.64 -4.44
C SER A 15 13.00 4.64 -4.44
C SER A 15 12.99 4.65 -4.42
N ASP A 16 13.80 5.69 -4.66
CA ASP A 16 14.42 6.45 -3.57
C ASP A 16 13.33 7.22 -2.79
N VAL A 17 12.33 7.78 -3.50
CA VAL A 17 11.22 8.48 -2.82
C VAL A 17 10.44 7.48 -1.94
N LEU A 18 10.12 6.30 -2.48
CA LEU A 18 9.35 5.30 -1.71
C LEU A 18 10.12 4.84 -0.48
N LEU A 19 11.46 4.66 -0.60
CA LEU A 19 12.30 4.27 0.55
C LEU A 19 12.20 5.31 1.67
N ASN A 20 12.24 6.61 1.31
CA ASN A 20 12.14 7.67 2.32
C ASN A 20 10.72 7.78 2.90
N LEU A 21 9.67 7.52 2.09
CA LEU A 21 8.30 7.50 2.63
C LEU A 21 8.16 6.36 3.68
N ASN A 22 8.79 5.19 3.43
CA ASN A 22 8.74 4.09 4.41
C ASN A 22 9.55 4.43 5.68
N ARG A 23 10.67 5.18 5.55
CA ARG A 23 11.46 5.61 6.71
C ARG A 23 10.61 6.57 7.56
N LEU A 24 9.83 7.47 6.91
CA LEU A 24 8.94 8.38 7.65
C LEU A 24 7.88 7.55 8.42
N ARG A 25 7.32 6.51 7.76
CA ARG A 25 6.34 5.64 8.44
C ARG A 25 6.96 4.92 9.66
N SER A 26 8.18 4.37 9.52
N SER A 26 8.18 4.38 9.50
N SER A 26 8.18 4.38 9.51
CA SER A 26 8.85 3.65 10.61
CA SER A 26 8.87 3.67 10.59
CA SER A 26 8.89 3.67 10.58
C SER A 26 9.14 4.55 11.81
C SER A 26 9.06 4.57 11.81
C SER A 26 9.15 4.55 11.80
N ARG A 27 9.41 5.84 11.57
CA ARG A 27 9.66 6.80 12.64
C ARG A 27 8.40 7.58 13.09
N ASP A 28 7.24 7.25 12.51
CA ASP A 28 5.94 7.88 12.81
C ASP A 28 5.96 9.39 12.54
N ILE A 29 6.62 9.80 11.45
CA ILE A 29 6.73 11.21 11.09
C ILE A 29 5.65 11.61 10.06
N LEU A 30 4.80 12.58 10.45
N LEU A 30 4.80 12.58 10.44
CA LEU A 30 3.71 13.17 9.68
CA LEU A 30 3.75 13.15 9.61
C LEU A 30 2.64 12.16 9.22
C LEU A 30 2.64 12.16 9.21
N THR A 31 2.52 11.03 9.94
CA THR A 31 1.43 10.07 9.70
C THR A 31 0.12 10.79 10.12
N ASP A 32 -0.95 10.62 9.33
CA ASP A 32 -2.17 11.38 9.56
C ASP A 32 -3.44 10.55 9.64
N VAL A 33 -3.32 9.22 9.74
CA VAL A 33 -4.50 8.36 9.86
C VAL A 33 -4.13 7.06 10.57
N VAL A 34 -5.10 6.48 11.32
CA VAL A 34 -4.94 5.17 11.93
C VAL A 34 -5.97 4.25 11.26
N ILE A 35 -5.52 3.12 10.70
CA ILE A 35 -6.42 2.12 10.11
C ILE A 35 -6.63 1.02 11.17
N VAL A 36 -7.88 0.77 11.56
CA VAL A 36 -8.20 -0.24 12.58
C VAL A 36 -8.76 -1.50 11.91
N VAL A 37 -8.15 -2.67 12.22
CA VAL A 37 -8.51 -3.96 11.63
C VAL A 37 -8.68 -4.96 12.77
N SER A 38 -9.93 -5.26 13.17
CA SER A 38 -10.23 -6.15 14.30
C SER A 38 -9.42 -5.77 15.56
N ARG A 39 -9.50 -4.49 15.95
N ARG A 39 -9.51 -4.49 15.95
CA ARG A 39 -8.83 -3.90 17.11
CA ARG A 39 -8.84 -3.88 17.09
C ARG A 39 -7.30 -3.71 16.94
C ARG A 39 -7.31 -3.68 16.93
N GLU A 40 -6.69 -4.20 15.86
CA GLU A 40 -5.24 -3.97 15.62
C GLU A 40 -5.14 -2.60 14.93
N GLN A 41 -4.14 -1.78 15.28
CA GLN A 41 -4.03 -0.42 14.73
C GLN A 41 -2.78 -0.24 13.88
N PHE A 42 -2.92 0.43 12.71
CA PHE A 42 -1.80 0.68 11.80
C PHE A 42 -1.74 2.16 11.42
N ARG A 43 -0.63 2.86 11.72
CA ARG A 43 -0.49 4.26 11.36
C ARG A 43 0.07 4.40 9.94
N ALA A 44 -0.44 5.38 9.17
CA ALA A 44 -0.01 5.53 7.77
C ALA A 44 -0.20 6.99 7.27
N HIS A 45 0.20 7.29 6.01
CA HIS A 45 -0.01 8.57 5.36
C HIS A 45 -1.17 8.38 4.36
N LYS A 46 -2.22 9.21 4.45
CA LYS A 46 -3.37 9.13 3.55
C LYS A 46 -2.94 9.15 2.05
N THR A 47 -2.00 10.02 1.69
CA THR A 47 -1.59 10.11 0.28
C THR A 47 -0.99 8.81 -0.24
N VAL A 48 -0.20 8.08 0.57
CA VAL A 48 0.37 6.79 0.10
C VAL A 48 -0.76 5.75 -0.04
N LEU A 49 -1.69 5.71 0.93
CA LEU A 49 -2.83 4.77 0.84
C LEU A 49 -3.65 5.01 -0.44
N MET A 50 -3.95 6.29 -0.75
CA MET A 50 -4.73 6.65 -1.95
C MET A 50 -3.99 6.27 -3.22
N ALA A 51 -2.67 6.49 -3.24
CA ALA A 51 -1.86 6.19 -4.42
C ALA A 51 -1.79 4.70 -4.75
N CYS A 52 -2.05 3.83 -3.75
CA CYS A 52 -1.93 2.37 -3.88
C CYS A 52 -3.23 1.59 -3.95
N SER A 53 -4.37 2.20 -3.61
CA SER A 53 -5.60 1.44 -3.41
C SER A 53 -6.85 2.16 -3.90
N GLY A 54 -7.68 1.47 -4.66
CA GLY A 54 -8.95 2.04 -5.12
C GLY A 54 -9.89 2.37 -3.97
N LEU A 55 -9.90 1.51 -2.93
CA LEU A 55 -10.77 1.76 -1.78
C LEU A 55 -10.34 3.03 -1.02
N PHE A 56 -9.03 3.18 -0.72
CA PHE A 56 -8.56 4.37 0.00
C PHE A 56 -8.67 5.65 -0.85
N TYR A 57 -8.51 5.52 -2.18
CA TYR A 57 -8.69 6.69 -3.07
C TYR A 57 -10.14 7.21 -2.96
N SER A 58 -11.11 6.28 -2.96
CA SER A 58 -12.53 6.67 -2.84
C SER A 58 -12.82 7.26 -1.45
N ILE A 59 -12.28 6.65 -0.38
CA ILE A 59 -12.51 7.14 0.99
C ILE A 59 -11.99 8.55 1.22
N PHE A 60 -10.72 8.82 0.87
CA PHE A 60 -10.11 10.11 1.18
C PHE A 60 -10.43 11.23 0.17
N THR A 61 -11.16 10.92 -0.92
CA THR A 61 -11.66 11.98 -1.82
C THR A 61 -13.13 12.37 -1.43
N ASP A 62 -13.74 11.66 -0.46
CA ASP A 62 -15.08 12.01 0.00
C ASP A 62 -14.96 13.26 0.88
N GLN A 63 -15.84 14.24 0.68
CA GLN A 63 -15.80 15.51 1.40
C GLN A 63 -15.96 15.40 2.93
N LEU A 64 -16.56 14.30 3.44
CA LEU A 64 -16.66 14.11 4.89
C LEU A 64 -15.56 13.18 5.42
N LYS A 65 -15.30 12.05 4.73
CA LYS A 65 -14.31 11.08 5.21
C LYS A 65 -12.87 11.57 5.09
N CYS A 66 -12.59 12.55 4.19
CA CYS A 66 -11.22 13.08 4.04
C CYS A 66 -10.67 13.66 5.35
N ASN A 67 -11.56 14.11 6.25
CA ASN A 67 -11.15 14.73 7.50
C ASN A 67 -11.11 13.78 8.71
N LEU A 68 -11.40 12.48 8.52
CA LEU A 68 -11.36 11.54 9.62
C LEU A 68 -9.91 11.13 9.94
N SER A 69 -9.60 10.93 11.22
CA SER A 69 -8.26 10.51 11.66
CA SER A 69 -8.26 10.51 11.62
C SER A 69 -8.19 9.00 11.94
N VAL A 70 -9.35 8.30 11.96
CA VAL A 70 -9.46 6.87 12.22
C VAL A 70 -10.42 6.26 11.18
N ILE A 71 -10.02 5.16 10.52
CA ILE A 71 -10.88 4.44 9.57
C ILE A 71 -10.96 2.98 10.01
N ASN A 72 -12.18 2.45 10.24
CA ASN A 72 -12.37 1.06 10.66
C ASN A 72 -12.71 0.19 9.46
N LEU A 73 -11.94 -0.87 9.22
CA LEU A 73 -12.21 -1.79 8.11
C LEU A 73 -13.27 -2.84 8.49
N ASP A 74 -13.84 -3.50 7.48
CA ASP A 74 -14.85 -4.56 7.69
C ASP A 74 -14.30 -5.66 8.65
N PRO A 75 -15.13 -6.14 9.60
CA PRO A 75 -14.65 -7.14 10.58
C PRO A 75 -14.13 -8.45 10.00
N GLU A 76 -14.49 -8.77 8.75
N GLU A 76 -14.50 -8.77 8.74
CA GLU A 76 -14.01 -9.98 8.10
CA GLU A 76 -14.00 -9.99 8.11
C GLU A 76 -12.54 -9.89 7.65
C GLU A 76 -12.56 -9.89 7.61
N ILE A 77 -11.98 -8.67 7.57
CA ILE A 77 -10.60 -8.49 7.12
C ILE A 77 -9.57 -8.96 8.15
N ASN A 78 -8.61 -9.76 7.70
CA ASN A 78 -7.55 -10.32 8.52
C ASN A 78 -6.43 -9.30 8.79
N PRO A 79 -6.07 -9.04 10.06
CA PRO A 79 -4.98 -8.08 10.33
C PRO A 79 -3.62 -8.42 9.70
N GLU A 80 -3.21 -9.70 9.69
CA GLU A 80 -1.93 -10.07 9.08
C GLU A 80 -1.93 -9.80 7.56
N GLY A 81 -3.05 -10.09 6.90
CA GLY A 81 -3.19 -9.82 5.46
C GLY A 81 -3.08 -8.32 5.18
N PHE A 82 -3.73 -7.50 6.02
CA PHE A 82 -3.63 -6.04 5.87
C PHE A 82 -2.17 -5.59 6.08
N CYS A 83 -1.50 -6.09 7.12
CA CYS A 83 -0.10 -5.74 7.43
C CYS A 83 0.82 -6.03 6.23
N ILE A 84 0.65 -7.22 5.62
CA ILE A 84 1.46 -7.61 4.47
C ILE A 84 1.24 -6.64 3.29
N LEU A 85 -0.02 -6.24 3.06
CA LEU A 85 -0.33 -5.32 1.96
C LEU A 85 0.14 -3.89 2.25
N LEU A 86 0.07 -3.42 3.51
CA LEU A 86 0.58 -2.09 3.86
C LEU A 86 2.11 -2.05 3.65
N ASP A 87 2.82 -3.12 4.04
CA ASP A 87 4.27 -3.21 3.79
C ASP A 87 4.56 -3.16 2.28
N PHE A 88 3.74 -3.87 1.47
CA PHE A 88 3.92 -3.86 0.00
C PHE A 88 3.72 -2.42 -0.54
N MET A 89 2.68 -1.70 -0.06
CA MET A 89 2.44 -0.33 -0.53
C MET A 89 3.70 0.56 -0.40
N TYR A 90 4.39 0.41 0.73
CA TYR A 90 5.54 1.25 1.06
C TYR A 90 6.90 0.70 0.58
N THR A 91 6.95 -0.53 -0.01
CA THR A 91 8.27 -1.09 -0.40
C THR A 91 8.34 -1.77 -1.77
N SER A 92 7.18 -2.08 -2.39
N SER A 92 7.18 -2.09 -2.37
CA SER A 92 7.07 -2.86 -3.64
CA SER A 92 7.04 -2.86 -3.61
C SER A 92 7.30 -4.38 -3.42
C SER A 92 7.29 -4.38 -3.41
N ARG A 93 7.53 -4.82 -2.17
CA ARG A 93 7.80 -6.23 -1.87
C ARG A 93 6.62 -6.88 -1.17
N LEU A 94 6.17 -8.03 -1.69
CA LEU A 94 5.01 -8.76 -1.17
C LEU A 94 5.44 -10.08 -0.54
N ASN A 95 5.18 -10.26 0.77
CA ASN A 95 5.55 -11.50 1.47
C ASN A 95 4.43 -12.53 1.30
N LEU A 96 4.38 -13.15 0.13
CA LEU A 96 3.37 -14.14 -0.22
C LEU A 96 3.85 -15.55 0.11
N ARG A 97 3.13 -16.24 1.01
CA ARG A 97 3.45 -17.60 1.49
C ARG A 97 2.21 -18.50 1.43
N GLU A 98 2.40 -19.83 1.41
CA GLU A 98 1.27 -20.77 1.37
C GLU A 98 0.24 -20.52 2.49
N GLY A 99 0.73 -20.21 3.68
CA GLY A 99 -0.13 -19.97 4.82
C GLY A 99 -0.86 -18.64 4.88
N ASN A 100 -0.50 -17.67 4.00
CA ASN A 100 -1.16 -16.37 4.02
C ASN A 100 -1.85 -15.96 2.71
N ILE A 101 -1.64 -16.71 1.62
CA ILE A 101 -2.13 -16.31 0.30
C ILE A 101 -3.66 -16.09 0.21
N MET A 102 -4.49 -16.95 0.85
CA MET A 102 -5.94 -16.75 0.79
C MET A 102 -6.35 -15.44 1.47
N ALA A 103 -5.74 -15.12 2.62
CA ALA A 103 -6.05 -13.89 3.34
C ALA A 103 -5.54 -12.66 2.57
N VAL A 104 -4.34 -12.76 1.98
CA VAL A 104 -3.78 -11.64 1.20
C VAL A 104 -4.66 -11.36 -0.02
N MET A 105 -5.10 -12.40 -0.74
CA MET A 105 -5.96 -12.22 -1.91
C MET A 105 -7.30 -11.57 -1.54
N ALA A 106 -7.98 -12.07 -0.50
CA ALA A 106 -9.26 -11.50 -0.07
C ALA A 106 -9.10 -10.03 0.37
N THR A 107 -7.99 -9.69 1.03
CA THR A 107 -7.75 -8.33 1.48
C THR A 107 -7.47 -7.41 0.28
N ALA A 108 -6.72 -7.90 -0.72
CA ALA A 108 -6.42 -7.10 -1.92
C ALA A 108 -7.68 -6.85 -2.76
N MET A 109 -8.64 -7.81 -2.76
CA MET A 109 -9.90 -7.63 -3.47
C MET A 109 -10.71 -6.49 -2.82
N TYR A 110 -10.77 -6.49 -1.49
CA TYR A 110 -11.47 -5.46 -0.69
C TYR A 110 -10.80 -4.08 -0.88
N LEU A 111 -9.46 -4.03 -0.82
CA LEU A 111 -8.73 -2.76 -0.98
C LEU A 111 -8.66 -2.27 -2.44
N GLN A 112 -9.09 -3.10 -3.41
CA GLN A 112 -9.04 -2.75 -4.82
C GLN A 112 -7.59 -2.51 -5.29
N MET A 113 -6.71 -3.51 -5.08
CA MET A 113 -5.31 -3.53 -5.50
C MET A 113 -5.23 -4.68 -6.52
N GLU A 114 -5.60 -4.39 -7.77
CA GLU A 114 -5.75 -5.42 -8.79
C GLU A 114 -4.48 -6.17 -9.25
N HIS A 115 -3.29 -5.56 -9.27
CA HIS A 115 -2.10 -6.32 -9.66
C HIS A 115 -1.88 -7.46 -8.66
N VAL A 116 -2.06 -7.16 -7.37
CA VAL A 116 -1.89 -8.15 -6.34
C VAL A 116 -2.92 -9.30 -6.44
N VAL A 117 -4.18 -8.96 -6.72
CA VAL A 117 -5.23 -10.00 -6.90
C VAL A 117 -4.85 -10.95 -8.03
N ASP A 118 -4.39 -10.41 -9.15
CA ASP A 118 -3.99 -11.21 -10.31
C ASP A 118 -2.83 -12.17 -10.01
N THR A 119 -1.81 -11.70 -9.31
N THR A 119 -1.78 -11.71 -9.31
CA THR A 119 -0.65 -12.52 -8.95
CA THR A 119 -0.64 -12.58 -8.99
C THR A 119 -1.04 -13.63 -7.98
C THR A 119 -1.02 -13.65 -7.96
N CYS A 120 -1.96 -13.34 -7.05
CA CYS A 120 -2.44 -14.33 -6.07
C CYS A 120 -3.15 -15.45 -6.81
N ARG A 121 -4.03 -15.08 -7.77
CA ARG A 121 -4.78 -16.05 -8.58
C ARG A 121 -3.85 -16.98 -9.35
N LYS A 122 -2.75 -16.44 -9.90
CA LYS A 122 -1.79 -17.24 -10.66
C LYS A 122 -1.02 -18.22 -9.76
N PHE A 123 -0.60 -17.77 -8.57
CA PHE A 123 0.12 -18.64 -7.63
C PHE A 123 -0.80 -19.76 -7.12
N ILE A 124 -2.10 -19.48 -6.93
CA ILE A 124 -3.05 -20.51 -6.49
C ILE A 124 -3.29 -21.52 -7.61
N LYS A 125 -3.47 -21.03 -8.85
CA LYS A 125 -3.71 -21.89 -10.01
C LYS A 125 -2.56 -22.87 -10.29
N ALA A 126 -1.32 -22.45 -9.98
CA ALA A 126 -0.13 -23.27 -10.17
C ALA A 126 -0.06 -24.44 -9.17
N SER A 127 -0.66 -24.30 -7.99
CA SER A 127 -0.66 -25.37 -6.99
C SER A 127 -1.77 -26.41 -7.19
N GLU A 128 -2.80 -26.08 -7.98
CA GLU A 128 -3.89 -27.02 -8.24
C GLU A 128 -3.46 -28.09 -9.24
CA ALA B 1 22.01 7.22 -13.31
C ALA B 1 20.91 7.93 -14.11
N TRP B 2 21.30 8.77 -15.07
N TRP B 2 21.31 8.81 -15.06
CA TRP B 2 20.37 9.54 -15.88
CA TRP B 2 20.34 9.51 -15.89
C TRP B 2 20.26 8.93 -17.29
C TRP B 2 20.23 8.87 -17.26
N VAL B 3 19.05 8.98 -17.88
CA VAL B 3 18.81 8.44 -19.24
C VAL B 3 17.92 9.38 -20.08
N ILE B 4 17.85 9.12 -21.41
CA ILE B 4 16.89 9.79 -22.29
C ILE B 4 15.61 8.90 -22.18
N PRO B 5 14.52 9.39 -21.57
CA PRO B 5 13.33 8.54 -21.40
C PRO B 5 12.60 8.20 -22.69
N ALA B 6 12.02 7.00 -22.75
#